data_6D51
#
_entry.id   6D51
#
_cell.length_a   44.067
_cell.length_b   46.175
_cell.length_c   110.724
_cell.angle_alpha   90.000
_cell.angle_beta   90.000
_cell.angle_gamma   90.000
#
_symmetry.space_group_name_H-M   'P 21 21 21'
#
loop_
_entity.id
_entity.type
_entity.pdbx_description
1 polymer 'Probable L,D-transpeptidase 3'
2 non-polymer 'ACETYL GROUP'
3 non-polymer 'CALCIUM ION'
4 water water
#
_entity_poly.entity_id   1
_entity_poly.type   'polypeptide(L)'
_entity_poly.pdbx_seq_one_letter_code
;MGSSHHHHHHSSGLVPRGSHMSYGFAVASVLPTRGQVVGVAHPVVVTFSAPITNPANRHAAERAVEVKSTPAMTGKFEWL
DNDVVQWVPDRFWPAHSTVELSVGSLSSDFKTGPAVVGVASISQHTFTVSIDGVEEGPPPPLPAPHHRVHFGEDGVMPAS
MGRPEYPTPVGSYTVLSKERSVIMDSSSVGIPVDDPDGYRLSVDYAVRITSRGLYVHSAPWALPALGLENVSHGCISLSR
EDAEWYYNAVDIGDPVIVQE
;
_entity_poly.pdbx_strand_id   A
#
# COMPACT_ATOMS: atom_id res chain seq x y z
N SER A 22 20.00 19.29 -24.70
CA SER A 22 19.54 17.92 -24.43
C SER A 22 18.83 17.83 -23.09
N TYR A 23 17.50 17.95 -23.11
CA TYR A 23 16.68 17.89 -21.91
C TYR A 23 15.72 16.71 -21.94
N GLY A 24 16.13 15.60 -22.57
CA GLY A 24 15.26 14.43 -22.63
C GLY A 24 14.89 13.87 -21.27
N PHE A 25 15.76 14.05 -20.27
CA PHE A 25 15.52 13.53 -18.92
C PHE A 25 15.15 14.64 -17.94
N ALA A 26 14.61 15.75 -18.44
CA ALA A 26 14.16 16.84 -17.59
C ALA A 26 13.07 16.34 -16.63
N VAL A 27 13.28 16.58 -15.33
CA VAL A 27 12.36 16.12 -14.28
C VAL A 27 11.33 17.21 -13.96
N ALA A 28 10.06 16.90 -14.15
CA ALA A 28 9.06 17.90 -13.82
C ALA A 28 8.81 17.95 -12.32
N SER A 29 8.81 16.80 -11.64
CA SER A 29 8.43 16.78 -10.24
C SER A 29 8.84 15.47 -9.60
N VAL A 30 8.89 15.48 -8.27
CA VAL A 30 9.29 14.35 -7.44
C VAL A 30 8.30 14.18 -6.30
N LEU A 31 7.96 12.93 -5.98
CA LEU A 31 7.31 12.56 -4.74
C LEU A 31 8.28 11.75 -3.89
N PRO A 32 8.30 11.92 -2.56
CA PRO A 32 7.48 12.86 -1.78
C PRO A 32 7.79 14.32 -2.05
N THR A 33 6.79 15.20 -1.92
CA THR A 33 7.02 16.63 -2.05
C THR A 33 7.78 17.15 -0.83
N ARG A 34 8.31 18.37 -0.96
CA ARG A 34 9.12 18.94 0.10
C ARG A 34 8.33 19.09 1.39
N GLY A 35 8.81 18.45 2.45
CA GLY A 35 8.15 18.53 3.72
C GLY A 35 6.95 17.61 3.87
N GLN A 36 6.62 16.81 2.86
CA GLN A 36 5.49 15.89 2.97
C GLN A 36 5.74 14.86 4.07
N VAL A 37 4.67 14.47 4.77
CA VAL A 37 4.71 13.44 5.81
C VAL A 37 4.21 12.15 5.19
N VAL A 38 5.02 11.10 5.24
CA VAL A 38 4.73 9.86 4.50
C VAL A 38 5.01 8.65 5.36
N GLY A 39 4.41 7.53 4.97
CA GLY A 39 4.70 6.26 5.59
C GLY A 39 6.08 5.74 5.23
N VAL A 40 6.50 4.70 5.96
CA VAL A 40 7.93 4.38 6.03
C VAL A 40 8.41 3.48 4.88
N ALA A 41 7.56 3.17 3.89
CA ALA A 41 8.03 2.53 2.66
C ALA A 41 7.75 3.38 1.42
N HIS A 42 7.57 4.68 1.57
CA HIS A 42 7.10 5.49 0.47
C HIS A 42 8.17 5.51 -0.62
N PRO A 43 7.82 5.21 -1.86
CA PRO A 43 8.81 5.25 -2.94
C PRO A 43 9.15 6.69 -3.29
N VAL A 44 10.25 6.84 -4.01
CA VAL A 44 10.62 8.13 -4.61
C VAL A 44 10.15 8.08 -6.06
N VAL A 45 9.15 8.89 -6.38
CA VAL A 45 8.46 8.83 -7.66
C VAL A 45 8.89 10.03 -8.48
N VAL A 46 9.51 9.77 -9.63
CA VAL A 46 10.08 10.81 -10.48
C VAL A 46 9.20 10.91 -11.73
N THR A 47 8.68 12.09 -12.01
CA THR A 47 7.81 12.33 -13.17
C THR A 47 8.59 13.19 -14.15
N PHE A 48 8.78 12.67 -15.36
CA PHE A 48 9.54 13.40 -16.35
C PHE A 48 8.67 14.35 -17.14
N SER A 49 9.32 15.40 -17.66
CA SER A 49 8.65 16.43 -18.43
C SER A 49 8.11 15.91 -19.75
N ALA A 50 8.77 14.91 -20.34
CA ALA A 50 8.37 14.27 -21.59
C ALA A 50 8.57 12.77 -21.49
N PRO A 51 7.72 11.99 -22.15
CA PRO A 51 7.89 10.53 -22.12
C PRO A 51 9.24 10.13 -22.66
N ILE A 52 9.81 9.10 -22.04
CA ILE A 52 11.03 8.45 -22.50
C ILE A 52 10.56 7.15 -23.11
N THR A 53 10.31 7.19 -24.41
CA THR A 53 9.66 6.08 -25.11
C THR A 53 10.65 5.03 -25.54
N ASN A 54 11.94 5.36 -25.56
CA ASN A 54 12.99 4.40 -25.87
C ASN A 54 13.42 3.68 -24.60
N PRO A 55 13.00 2.43 -24.39
CA PRO A 55 13.44 1.70 -23.19
C PRO A 55 14.94 1.63 -23.02
N ALA A 56 15.70 1.76 -24.10
CA ALA A 56 17.16 1.72 -23.97
C ALA A 56 17.70 3.00 -23.33
N ASN A 57 16.99 4.13 -23.49
CA ASN A 57 17.38 5.36 -22.83
C ASN A 57 17.00 5.40 -21.35
N ARG A 58 16.24 4.41 -20.87
CA ARG A 58 15.83 4.39 -19.47
C ARG A 58 17.01 4.28 -18.50
N HIS A 59 18.04 3.49 -18.85
CA HIS A 59 19.16 3.38 -17.91
C HIS A 59 19.87 4.72 -17.76
N ALA A 60 20.02 5.46 -18.86
CA ALA A 60 20.61 6.80 -18.73
C ALA A 60 19.69 7.71 -17.92
N ALA A 61 18.39 7.57 -18.10
CA ALA A 61 17.47 8.40 -17.33
C ALA A 61 17.60 8.09 -15.85
N GLU A 62 17.67 6.81 -15.50
CA GLU A 62 17.82 6.40 -14.11
C GLU A 62 19.07 7.00 -13.49
N ARG A 63 20.18 7.02 -14.26
CA ARG A 63 21.42 7.61 -13.77
C ARG A 63 21.28 9.11 -13.59
N ALA A 64 20.60 9.79 -14.51
CA ALA A 64 20.38 11.22 -14.34
C ALA A 64 19.50 11.53 -13.14
N VAL A 65 18.64 10.60 -12.70
CA VAL A 65 17.78 10.85 -11.55
C VAL A 65 18.22 10.02 -10.35
N GLU A 66 19.53 9.78 -10.23
CA GLU A 66 20.08 8.95 -9.15
C GLU A 66 19.58 9.42 -7.80
N VAL A 67 19.02 8.50 -7.03
CA VAL A 67 18.41 8.85 -5.76
C VAL A 67 19.45 8.73 -4.66
N LYS A 68 19.75 9.84 -4.00
CA LYS A 68 20.70 9.88 -2.89
C LYS A 68 19.97 10.41 -1.65
N SER A 69 19.75 9.54 -0.68
CA SER A 69 19.04 9.89 0.54
C SER A 69 20.00 9.97 1.72
N THR A 70 19.56 10.71 2.74
CA THR A 70 20.22 10.70 4.04
C THR A 70 19.16 10.40 5.09
N PRO A 71 19.19 9.23 5.76
CA PRO A 71 20.26 8.21 5.70
C PRO A 71 20.30 7.47 4.37
N ALA A 72 21.46 6.91 4.07
CA ALA A 72 21.64 6.21 2.80
C ALA A 72 20.70 5.01 2.74
N MET A 73 20.18 4.76 1.54
CA MET A 73 19.22 3.69 1.27
C MET A 73 19.48 3.18 -0.13
N THR A 74 19.45 1.86 -0.31
CA THR A 74 19.48 1.26 -1.62
C THR A 74 18.06 1.02 -2.11
N GLY A 75 17.91 0.94 -3.42
CA GLY A 75 16.58 0.72 -3.96
C GLY A 75 16.65 0.29 -5.41
N LYS A 76 15.47 0.17 -6.03
CA LYS A 76 15.35 -0.36 -7.38
C LYS A 76 14.34 0.45 -8.15
N PHE A 77 14.70 0.80 -9.38
CA PHE A 77 13.84 1.61 -10.23
C PHE A 77 12.79 0.74 -10.93
N GLU A 78 11.56 1.26 -11.00
CA GLU A 78 10.49 0.60 -11.73
C GLU A 78 9.75 1.66 -12.54
N TRP A 79 9.60 1.42 -13.84
CA TRP A 79 8.90 2.39 -14.68
C TRP A 79 7.40 2.14 -14.61
N LEU A 80 6.64 3.17 -14.23
CA LEU A 80 5.19 3.08 -14.12
C LEU A 80 4.48 3.54 -15.39
N ASP A 81 5.15 4.37 -16.19
CA ASP A 81 4.65 4.89 -17.45
C ASP A 81 5.87 5.37 -18.21
N ASN A 82 5.67 5.81 -19.45
CA ASN A 82 6.79 6.30 -20.24
C ASN A 82 7.46 7.49 -19.59
N ASP A 83 6.76 8.20 -18.70
CA ASP A 83 7.28 9.42 -18.10
C ASP A 83 7.28 9.39 -16.58
N VAL A 84 7.17 8.20 -15.96
CA VAL A 84 7.20 8.09 -14.50
C VAL A 84 8.03 6.87 -14.15
N VAL A 85 9.08 7.07 -13.35
CA VAL A 85 9.84 5.98 -12.78
C VAL A 85 9.79 6.13 -11.26
N GLN A 86 9.58 5.04 -10.57
CA GLN A 86 9.59 5.08 -9.11
C GLN A 86 10.78 4.28 -8.61
N TRP A 87 11.40 4.79 -7.55
CA TRP A 87 12.54 4.17 -6.90
C TRP A 87 12.02 3.58 -5.60
N VAL A 88 12.03 2.25 -5.51
CA VAL A 88 11.43 1.52 -4.40
C VAL A 88 12.55 1.23 -3.40
N PRO A 89 12.53 1.82 -2.21
CA PRO A 89 13.60 1.52 -1.22
C PRO A 89 13.62 0.06 -0.85
N ASP A 90 14.83 -0.48 -0.64
CA ASP A 90 14.94 -1.91 -0.29
C ASP A 90 14.53 -2.18 1.14
N ARG A 91 14.57 -1.17 1.99
CA ARG A 91 14.27 -1.29 3.41
C ARG A 91 13.33 -0.15 3.77
N PHE A 92 12.80 -0.20 4.97
CA PHE A 92 11.92 0.87 5.42
C PHE A 92 12.77 2.07 5.80
N TRP A 93 12.26 3.27 5.47
CA TRP A 93 12.80 4.49 6.05
C TRP A 93 12.67 4.46 7.57
N PRO A 94 13.53 5.18 8.28
CA PRO A 94 13.32 5.38 9.73
C PRO A 94 12.04 6.16 9.98
N ALA A 95 11.26 5.69 10.94
CA ALA A 95 10.05 6.38 11.37
C ALA A 95 10.41 7.68 12.07
N HIS A 96 9.45 8.61 12.06
CA HIS A 96 9.51 9.83 12.86
C HIS A 96 10.74 10.67 12.53
N SER A 97 11.12 10.69 11.26
CA SER A 97 12.40 11.26 10.87
C SER A 97 12.25 12.26 9.73
N THR A 98 13.28 13.08 9.57
CA THR A 98 13.44 13.87 8.36
C THR A 98 14.42 13.14 7.46
N VAL A 99 13.97 12.74 6.27
CA VAL A 99 14.83 12.10 5.27
C VAL A 99 15.23 13.15 4.25
N GLU A 100 16.54 13.35 4.10
CA GLU A 100 17.03 14.24 3.07
C GLU A 100 17.10 13.45 1.77
N LEU A 101 16.79 14.11 0.67
CA LEU A 101 16.64 13.44 -0.61
C LEU A 101 17.24 14.30 -1.71
N SER A 102 18.14 13.71 -2.49
CA SER A 102 18.61 14.31 -3.72
C SER A 102 18.20 13.40 -4.88
N VAL A 103 17.60 14.01 -5.90
CA VAL A 103 17.25 13.32 -7.14
C VAL A 103 17.95 14.14 -8.22
N GLY A 104 19.05 13.62 -8.75
CA GLY A 104 19.91 14.35 -9.66
C GLY A 104 19.97 15.85 -9.44
N SER A 105 20.73 16.28 -8.44
CA SER A 105 20.97 17.71 -8.15
C SER A 105 19.79 18.38 -7.44
N LEU A 106 18.54 18.07 -7.83
CA LEU A 106 17.39 18.58 -7.09
C LEU A 106 17.47 18.12 -5.65
N SER A 107 17.66 19.05 -4.73
CA SER A 107 17.76 18.75 -3.30
C SER A 107 16.41 18.95 -2.64
N SER A 108 15.99 17.97 -1.86
CA SER A 108 14.67 18.01 -1.24
C SER A 108 14.76 17.33 0.12
N ASP A 109 13.61 17.26 0.79
CA ASP A 109 13.53 16.51 2.02
C ASP A 109 12.07 16.18 2.28
N PHE A 110 11.84 15.16 3.09
CA PHE A 110 10.50 14.84 3.51
C PHE A 110 10.58 14.27 4.92
N LYS A 111 9.41 13.99 5.49
CA LYS A 111 9.30 13.50 6.87
C LYS A 111 8.54 12.18 6.87
N THR A 112 8.91 11.28 7.79
CA THR A 112 8.18 10.04 7.98
C THR A 112 7.42 10.13 9.29
N GLY A 113 6.21 9.56 9.32
CA GLY A 113 5.47 9.39 10.53
C GLY A 113 5.84 8.09 11.22
N PRO A 114 4.90 7.54 12.00
CA PRO A 114 5.17 6.25 12.65
C PRO A 114 5.25 5.13 11.63
N ALA A 115 5.98 4.07 11.99
CA ALA A 115 6.06 2.90 11.12
C ALA A 115 4.81 2.06 11.39
N VAL A 116 3.85 2.13 10.49
CA VAL A 116 2.57 1.46 10.64
C VAL A 116 2.56 0.31 9.64
N VAL A 117 2.77 -0.90 10.15
CA VAL A 117 3.03 -2.07 9.30
C VAL A 117 1.86 -3.04 9.47
N GLY A 118 1.31 -3.51 8.35
CA GLY A 118 0.27 -4.52 8.36
C GLY A 118 0.75 -5.77 7.66
N VAL A 119 0.56 -6.92 8.32
CA VAL A 119 1.01 -8.19 7.77
C VAL A 119 -0.20 -9.11 7.70
N ALA A 120 -0.58 -9.50 6.49
CA ALA A 120 -1.70 -10.40 6.27
C ALA A 120 -1.15 -11.82 6.12
N SER A 121 -1.70 -12.75 6.88
CA SER A 121 -1.33 -14.16 6.80
C SER A 121 -2.48 -14.93 6.19
N ILE A 122 -2.25 -15.49 4.99
CA ILE A 122 -3.32 -16.20 4.30
C ILE A 122 -3.72 -17.45 5.07
N SER A 123 -2.74 -18.15 5.64
CA SER A 123 -3.01 -19.40 6.37
C SER A 123 -3.65 -19.14 7.73
N GLN A 124 -3.16 -18.15 8.47
CA GLN A 124 -3.74 -17.85 9.78
C GLN A 124 -5.03 -17.05 9.67
N HIS A 125 -5.36 -16.50 8.51
CA HIS A 125 -6.56 -15.67 8.32
C HIS A 125 -6.54 -14.46 9.25
N THR A 126 -5.38 -13.83 9.40
CA THR A 126 -5.22 -12.69 10.28
C THR A 126 -4.60 -11.52 9.52
N PHE A 127 -4.74 -10.34 10.11
CA PHE A 127 -4.05 -9.13 9.66
C PHE A 127 -3.45 -8.50 10.92
N THR A 128 -2.13 -8.48 11.02
CA THR A 128 -1.44 -8.02 12.23
C THR A 128 -0.88 -6.63 11.99
N VAL A 129 -1.28 -5.69 12.83
CA VAL A 129 -0.90 -4.29 12.71
C VAL A 129 0.04 -3.95 13.86
N SER A 130 1.21 -3.40 13.52
CA SER A 130 2.13 -2.89 14.51
C SER A 130 2.41 -1.42 14.23
N ILE A 131 2.60 -0.65 15.31
CA ILE A 131 2.94 0.76 15.23
C ILE A 131 4.30 0.92 15.88
N ASP A 132 5.29 1.34 15.09
CA ASP A 132 6.69 1.44 15.55
C ASP A 132 7.14 0.18 16.27
N GLY A 133 6.78 -0.97 15.71
CA GLY A 133 7.18 -2.26 16.24
C GLY A 133 6.26 -2.86 17.28
N VAL A 134 5.29 -2.11 17.78
CA VAL A 134 4.44 -2.56 18.87
C VAL A 134 3.08 -2.91 18.31
N GLU A 135 2.70 -4.18 18.40
CA GLU A 135 1.39 -4.61 17.92
C GLU A 135 0.27 -3.94 18.71
N GLU A 136 -0.69 -3.35 18.00
CA GLU A 136 -1.81 -2.65 18.63
C GLU A 136 -3.03 -2.69 17.74
N GLY A 137 -4.20 -2.66 18.37
CA GLY A 137 -5.48 -2.66 17.68
C GLY A 137 -6.47 -1.79 18.46
N PRO A 138 -7.70 -1.67 17.97
CA PRO A 138 -8.68 -0.80 18.64
C PRO A 138 -9.11 -1.38 19.98
N PRO A 139 -9.56 -0.54 20.91
CA PRO A 139 -10.18 -1.04 22.15
C PRO A 139 -11.42 -1.86 21.84
N PRO A 140 -11.42 -3.15 22.18
CA PRO A 140 -12.51 -4.04 21.76
C PRO A 140 -13.76 -3.84 22.59
N PRO A 141 -14.92 -3.58 21.94
CA PRO A 141 -16.20 -3.41 22.62
C PRO A 141 -17.09 -4.66 22.53
N HIS A 146 -19.10 -10.11 21.07
CA HIS A 146 -19.71 -11.13 21.91
C HIS A 146 -20.17 -12.33 21.09
N HIS A 147 -20.10 -12.20 19.75
CA HIS A 147 -20.55 -13.24 18.85
C HIS A 147 -19.71 -13.28 17.58
N ARG A 148 -18.45 -12.88 17.66
CA ARG A 148 -17.54 -12.81 16.53
C ARG A 148 -16.15 -13.18 17.00
N VAL A 149 -15.33 -13.72 16.08
CA VAL A 149 -13.96 -14.09 16.44
C VAL A 149 -13.18 -12.86 16.87
N HIS A 150 -12.43 -12.98 17.96
CA HIS A 150 -11.35 -12.02 18.18
C HIS A 150 -10.28 -12.63 19.09
N PHE A 151 -9.03 -12.38 18.73
CA PHE A 151 -7.89 -12.92 19.45
C PHE A 151 -7.54 -12.06 20.65
N GLY A 152 -6.96 -12.67 21.66
CA GLY A 152 -6.61 -11.92 22.85
C GLY A 152 -5.26 -11.26 22.71
N GLU A 153 -4.80 -11.13 21.47
CA GLU A 153 -3.45 -10.68 21.16
C GLU A 153 -3.51 -9.33 20.47
N ASP A 154 -2.89 -8.32 21.08
CA ASP A 154 -2.96 -6.95 20.55
C ASP A 154 -2.50 -6.90 19.10
N GLY A 155 -3.26 -6.17 18.28
CA GLY A 155 -2.87 -5.93 16.90
C GLY A 155 -3.22 -7.02 15.93
N VAL A 156 -3.65 -8.19 16.39
CA VAL A 156 -3.96 -9.31 15.51
C VAL A 156 -5.44 -9.25 15.18
N MET A 157 -5.76 -8.89 13.94
CA MET A 157 -7.16 -8.75 13.55
C MET A 157 -7.63 -9.95 12.74
N PRO A 158 -8.86 -10.41 13.00
CA PRO A 158 -9.46 -11.42 12.12
C PRO A 158 -9.60 -10.88 10.70
N ALA A 159 -9.15 -11.67 9.74
CA ALA A 159 -9.14 -11.22 8.34
C ALA A 159 -9.59 -12.35 7.42
N SER A 160 -10.02 -11.98 6.22
CA SER A 160 -10.41 -12.94 5.19
C SER A 160 -9.74 -12.52 3.89
N MET A 161 -8.82 -13.35 3.41
CA MET A 161 -8.10 -13.05 2.18
C MET A 161 -8.85 -13.60 0.97
N GLY A 162 -8.16 -13.65 -0.17
CA GLY A 162 -8.80 -14.07 -1.41
C GLY A 162 -8.96 -15.58 -1.47
N ARG A 163 -10.13 -16.00 -1.94
CA ARG A 163 -10.44 -17.41 -2.14
C ARG A 163 -9.50 -18.01 -3.19
N PRO A 164 -9.42 -19.34 -3.28
CA PRO A 164 -8.50 -19.94 -4.26
C PRO A 164 -8.73 -19.49 -5.69
N GLU A 165 -9.97 -19.15 -6.05
CA GLU A 165 -10.23 -18.69 -7.42
C GLU A 165 -9.60 -17.32 -7.66
N TYR A 166 -9.64 -16.44 -6.66
CA TYR A 166 -9.08 -15.09 -6.76
C TYR A 166 -8.22 -14.82 -5.53
N PRO A 167 -7.06 -15.45 -5.45
CA PRO A 167 -6.27 -15.38 -4.22
C PRO A 167 -5.59 -14.03 -4.05
N THR A 168 -5.32 -13.70 -2.79
CA THR A 168 -4.52 -12.52 -2.48
C THR A 168 -3.05 -12.83 -2.75
N PRO A 169 -2.40 -12.14 -3.69
CA PRO A 169 -1.01 -12.48 -4.02
C PRO A 169 -0.03 -12.14 -2.89
N VAL A 170 0.91 -13.05 -2.65
CA VAL A 170 1.98 -12.81 -1.69
C VAL A 170 2.90 -11.72 -2.23
N GLY A 171 3.43 -10.90 -1.33
CA GLY A 171 4.37 -9.88 -1.73
C GLY A 171 4.49 -8.78 -0.70
N SER A 172 5.33 -7.81 -1.04
CA SER A 172 5.55 -6.61 -0.22
C SER A 172 4.92 -5.42 -0.93
N TYR A 173 3.90 -4.83 -0.32
CA TYR A 173 3.12 -3.74 -0.90
C TYR A 173 3.32 -2.47 -0.09
N THR A 174 2.87 -1.35 -0.66
CA THR A 174 2.78 -0.12 0.11
C THR A 174 1.41 0.50 -0.13
N VAL A 175 0.96 1.27 0.86
CA VAL A 175 -0.34 1.93 0.78
C VAL A 175 -0.25 3.02 -0.27
N LEU A 176 -1.09 2.92 -1.28
CA LEU A 176 -1.08 3.82 -2.43
C LEU A 176 -2.08 4.95 -2.26
N SER A 177 -3.19 4.70 -1.58
CA SER A 177 -4.19 5.73 -1.35
C SER A 177 -5.13 5.24 -0.25
N LYS A 178 -5.90 6.18 0.31
CA LYS A 178 -6.90 5.91 1.33
C LYS A 178 -8.17 6.63 0.89
N GLU A 179 -9.31 5.95 0.91
CA GLU A 179 -10.57 6.52 0.47
CA GLU A 179 -10.57 6.52 0.47
C GLU A 179 -11.69 6.10 1.40
N ARG A 180 -12.69 6.97 1.52
CA ARG A 180 -13.94 6.65 2.21
C ARG A 180 -15.04 6.44 1.19
N SER A 181 -15.92 5.47 1.48
CA SER A 181 -17.17 5.29 0.73
C SER A 181 -16.92 5.19 -0.76
N VAL A 182 -15.84 4.53 -1.13
CA VAL A 182 -15.58 4.32 -2.55
C VAL A 182 -16.39 3.12 -3.03
N ILE A 183 -16.83 3.18 -4.28
CA ILE A 183 -17.59 2.10 -4.90
C ILE A 183 -16.62 1.18 -5.62
N MET A 184 -16.68 -0.11 -5.32
CA MET A 184 -15.87 -1.11 -6.00
C MET A 184 -16.77 -2.05 -6.78
N ASP A 185 -16.45 -2.25 -8.07
CA ASP A 185 -17.14 -3.17 -8.96
C ASP A 185 -16.40 -4.51 -9.03
N SER A 186 -17.06 -5.50 -9.62
CA SER A 186 -16.41 -6.77 -9.89
C SER A 186 -15.53 -6.72 -11.14
N SER A 187 -15.56 -5.62 -11.90
CA SER A 187 -14.73 -5.50 -13.09
C SER A 187 -13.24 -5.41 -12.78
N SER A 188 -12.87 -5.20 -11.51
CA SER A 188 -11.46 -5.09 -11.15
C SER A 188 -10.75 -6.43 -11.16
N VAL A 189 -11.50 -7.52 -10.97
CA VAL A 189 -10.93 -8.87 -11.01
C VAL A 189 -11.37 -9.63 -12.27
N GLY A 190 -12.23 -9.04 -13.11
CA GLY A 190 -12.56 -9.61 -14.39
C GLY A 190 -13.95 -10.19 -14.50
N ILE A 191 -14.93 -9.52 -13.91
CA ILE A 191 -16.31 -10.01 -13.91
C ILE A 191 -17.27 -8.84 -14.09
N PRO A 192 -18.10 -8.82 -15.13
CA PRO A 192 -19.10 -7.75 -15.26
C PRO A 192 -20.03 -7.71 -14.06
N VAL A 193 -20.61 -6.54 -13.82
CA VAL A 193 -21.37 -6.31 -12.61
C VAL A 193 -22.63 -7.18 -12.58
N ASP A 194 -23.25 -7.41 -13.73
CA ASP A 194 -24.49 -8.18 -13.83
C ASP A 194 -24.24 -9.67 -14.06
N ASP A 195 -23.03 -10.15 -13.82
CA ASP A 195 -22.57 -11.51 -14.05
C ASP A 195 -22.89 -12.39 -12.85
N PRO A 196 -23.11 -13.71 -13.09
CA PRO A 196 -23.42 -14.65 -11.99
C PRO A 196 -22.75 -14.36 -10.65
N ASP A 197 -21.46 -14.04 -10.64
CA ASP A 197 -20.77 -13.65 -9.42
C ASP A 197 -20.08 -12.30 -9.71
N GLY A 198 -20.91 -11.31 -10.00
CA GLY A 198 -20.49 -9.91 -9.99
C GLY A 198 -20.81 -9.26 -8.65
N TYR A 199 -20.38 -8.01 -8.50
CA TYR A 199 -20.73 -7.25 -7.30
C TYR A 199 -20.52 -5.78 -7.58
N ARG A 200 -21.21 -4.95 -6.79
CA ARG A 200 -20.97 -3.52 -6.77
C ARG A 200 -21.16 -3.08 -5.33
N LEU A 201 -20.04 -2.81 -4.65
CA LEU A 201 -20.03 -2.56 -3.22
C LEU A 201 -19.71 -1.11 -2.93
N SER A 202 -20.34 -0.56 -1.90
CA SER A 202 -19.89 0.69 -1.28
C SER A 202 -19.04 0.31 -0.09
N VAL A 203 -17.78 0.72 -0.10
CA VAL A 203 -16.82 0.23 0.87
C VAL A 203 -16.41 1.39 1.75
N ASP A 204 -16.57 1.21 3.07
CA ASP A 204 -16.47 2.34 3.97
C ASP A 204 -15.04 2.84 4.08
N TYR A 205 -14.10 1.94 4.40
CA TYR A 205 -12.71 2.29 4.61
C TYR A 205 -11.90 1.48 3.62
N ALA A 206 -11.15 2.15 2.74
CA ALA A 206 -10.49 1.48 1.63
C ALA A 206 -9.04 1.93 1.58
N VAL A 207 -8.14 1.02 1.92
CA VAL A 207 -6.71 1.26 1.87
C VAL A 207 -6.17 0.55 0.64
N ARG A 208 -5.83 1.31 -0.41
CA ARG A 208 -5.42 0.70 -1.67
C ARG A 208 -3.95 0.31 -1.62
N ILE A 209 -3.62 -0.92 -1.99
CA ILE A 209 -2.24 -1.37 -1.97
C ILE A 209 -1.70 -1.81 -3.33
N THR A 210 -2.52 -1.93 -4.38
CA THR A 210 -1.96 -2.09 -5.73
C THR A 210 -2.68 -1.18 -6.69
N SER A 211 -1.97 -0.77 -7.75
CA SER A 211 -2.62 0.00 -8.81
C SER A 211 -3.69 -0.85 -9.51
N ARG A 212 -3.54 -2.18 -9.46
CA ARG A 212 -4.54 -3.06 -10.06
C ARG A 212 -5.88 -3.01 -9.32
N GLY A 213 -5.86 -2.77 -8.00
CA GLY A 213 -7.11 -2.65 -7.28
C GLY A 213 -7.23 -3.53 -6.05
N LEU A 214 -6.11 -3.93 -5.48
CA LEU A 214 -6.10 -4.64 -4.22
C LEU A 214 -6.23 -3.66 -3.07
N TYR A 215 -7.08 -4.00 -2.10
CA TYR A 215 -7.36 -3.13 -0.96
C TYR A 215 -7.33 -3.93 0.33
N VAL A 216 -6.97 -3.25 1.43
CA VAL A 216 -7.42 -3.63 2.77
C VAL A 216 -8.67 -2.81 3.03
N HIS A 217 -9.75 -3.45 3.47
CA HIS A 217 -10.99 -2.68 3.57
C HIS A 217 -11.96 -3.31 4.56
N SER A 218 -12.97 -2.52 4.92
CA SER A 218 -14.04 -2.99 5.77
C SER A 218 -14.99 -3.86 4.96
N ALA A 219 -15.37 -5.01 5.51
CA ALA A 219 -16.22 -5.98 4.83
C ALA A 219 -17.25 -6.52 5.82
N PRO A 220 -18.22 -5.70 6.22
CA PRO A 220 -19.19 -6.16 7.22
C PRO A 220 -20.02 -7.35 6.76
N TRP A 221 -20.41 -7.38 5.48
CA TRP A 221 -21.09 -8.54 4.92
C TRP A 221 -20.28 -9.82 5.11
N ALA A 222 -18.95 -9.71 5.13
CA ALA A 222 -18.07 -10.86 5.25
C ALA A 222 -17.70 -11.19 6.70
N LEU A 223 -18.47 -10.68 7.67
CA LEU A 223 -18.14 -10.91 9.07
C LEU A 223 -18.00 -12.38 9.45
N PRO A 224 -18.83 -13.31 8.97
CA PRO A 224 -18.68 -14.71 9.43
C PRO A 224 -17.34 -15.34 9.10
N ALA A 225 -16.76 -15.00 7.95
CA ALA A 225 -15.51 -15.64 7.53
C ALA A 225 -14.28 -15.09 8.22
N LEU A 226 -14.38 -13.90 8.83
CA LEU A 226 -13.21 -13.22 9.37
C LEU A 226 -12.50 -14.09 10.40
N GLY A 227 -11.18 -14.25 10.21
CA GLY A 227 -10.38 -15.10 11.06
C GLY A 227 -10.49 -16.57 10.78
N LEU A 228 -11.40 -16.98 9.90
CA LEU A 228 -11.66 -18.40 9.62
C LEU A 228 -11.42 -18.75 8.16
N GLU A 229 -12.14 -18.14 7.23
CA GLU A 229 -12.11 -18.52 5.82
C GLU A 229 -11.65 -17.37 4.94
N ASN A 230 -10.90 -17.70 3.88
CA ASN A 230 -10.51 -16.73 2.86
C ASN A 230 -11.57 -16.75 1.78
N VAL A 231 -12.52 -15.81 1.84
CA VAL A 231 -13.66 -15.81 0.95
C VAL A 231 -13.71 -14.59 0.04
N SER A 232 -12.80 -13.64 0.19
CA SER A 232 -12.79 -12.48 -0.69
C SER A 232 -12.29 -12.88 -2.09
N HIS A 233 -12.25 -11.89 -2.97
CA HIS A 233 -11.74 -12.06 -4.32
C HIS A 233 -10.35 -11.46 -4.51
N GLY A 234 -9.56 -11.45 -3.45
CA GLY A 234 -8.22 -10.92 -3.53
C GLY A 234 -7.93 -9.90 -2.46
N CYS A 235 -8.95 -9.13 -2.10
CA CYS A 235 -8.77 -8.06 -1.13
C CYS A 235 -8.64 -8.62 0.28
N ILE A 236 -8.06 -7.79 1.15
CA ILE A 236 -7.88 -8.12 2.56
C ILE A 236 -9.08 -7.55 3.32
N SER A 237 -9.97 -8.42 3.80
CA SER A 237 -11.23 -8.02 4.40
C SER A 237 -11.10 -7.94 5.91
N LEU A 238 -11.58 -6.84 6.49
CA LEU A 238 -11.58 -6.66 7.93
C LEU A 238 -12.97 -6.28 8.39
N SER A 239 -13.22 -6.45 9.69
CA SER A 239 -14.42 -5.86 10.26
C SER A 239 -14.35 -4.35 10.11
N ARG A 240 -15.53 -3.72 10.15
CA ARG A 240 -15.56 -2.25 10.03
C ARG A 240 -14.76 -1.59 11.14
N GLU A 241 -14.81 -2.14 12.35
CA GLU A 241 -14.12 -1.51 13.46
C GLU A 241 -12.62 -1.63 13.33
N ASP A 242 -12.13 -2.80 12.93
CA ASP A 242 -10.70 -2.99 12.71
C ASP A 242 -10.22 -2.20 11.51
N ALA A 243 -10.98 -2.23 10.41
CA ALA A 243 -10.61 -1.45 9.22
C ALA A 243 -10.54 0.04 9.53
N GLU A 244 -11.53 0.56 10.27
CA GLU A 244 -11.53 1.97 10.66
C GLU A 244 -10.28 2.32 11.45
N TRP A 245 -9.87 1.43 12.36
CA TRP A 245 -8.70 1.70 13.20
C TRP A 245 -7.42 1.68 12.37
N TYR A 246 -7.24 0.64 11.56
CA TYR A 246 -6.06 0.59 10.69
C TYR A 246 -6.06 1.75 9.71
N TYR A 247 -7.20 2.01 9.08
CA TYR A 247 -7.29 3.15 8.15
C TYR A 247 -6.83 4.44 8.82
N ASN A 248 -7.34 4.70 10.02
CA ASN A 248 -6.99 5.95 10.69
C ASN A 248 -5.54 5.97 11.14
N ALA A 249 -4.93 4.80 11.33
CA ALA A 249 -3.54 4.73 11.77
C ALA A 249 -2.56 4.87 10.60
N VAL A 250 -2.90 4.31 9.44
CA VAL A 250 -1.91 4.10 8.38
C VAL A 250 -1.79 5.35 7.51
N ASP A 251 -0.65 5.49 6.84
CA ASP A 251 -0.42 6.63 5.95
C ASP A 251 -0.05 6.10 4.58
N ILE A 252 -0.25 6.92 3.55
CA ILE A 252 0.23 6.53 2.22
C ILE A 252 1.74 6.38 2.26
N GLY A 253 2.24 5.27 1.75
CA GLY A 253 3.65 4.90 1.83
C GLY A 253 3.97 3.84 2.86
N ASP A 254 3.06 3.54 3.79
CA ASP A 254 3.36 2.54 4.80
C ASP A 254 3.31 1.15 4.18
N PRO A 255 4.09 0.20 4.69
CA PRO A 255 4.16 -1.12 4.07
C PRO A 255 3.05 -2.05 4.51
N VAL A 256 2.71 -2.96 3.59
CA VAL A 256 1.70 -3.98 3.80
C VAL A 256 2.28 -5.27 3.21
N ILE A 257 2.45 -6.28 4.05
CA ILE A 257 3.05 -7.55 3.66
C ILE A 257 1.94 -8.60 3.60
N VAL A 258 1.94 -9.41 2.54
CA VAL A 258 1.05 -10.55 2.42
C VAL A 258 1.91 -11.80 2.43
N GLN A 259 1.65 -12.69 3.39
CA GLN A 259 2.39 -13.94 3.53
C GLN A 259 1.42 -15.12 3.50
N GLU A 260 1.95 -16.30 3.21
CA GLU A 260 1.13 -17.49 3.21
C GLU A 260 0.90 -17.99 4.62
#